data_2ED4
#
_entry.id   2ED4
#
_cell.length_a   41.746
_cell.length_b   43.655
_cell.length_c   74.788
_cell.angle_alpha   90.00
_cell.angle_beta   93.70
_cell.angle_gamma   90.00
#
_symmetry.space_group_name_H-M   'P 1 21 1'
#
loop_
_entity.id
_entity.type
_entity.pdbx_description
1 polymer 'flavin reductase (HpaC) of 4-hydroxyphenylacetate 3-monooxygenae'
2 non-polymer 'FLAVIN-ADENINE DINUCLEOTIDE'
3 non-polymer NICOTINAMIDE-ADENINE-DINUCLEOTIDE
4 water water
#
_entity_poly.entity_id   1
_entity_poly.type   'polypeptide(L)'
_entity_poly.pdbx_seq_one_letter_code
;MKEAFKEALARFASGVTVVAARLGEEERGMTATAFMSLSLEPPLVALAVSERAKLLPVLEGAGAFTVSLLREGQEAVSEH
FAGRPKEGIALEEGRVKGALAVLRCRLHALYPGGDHRIVVGLVEEVELGEGGPPLVYFQRGYRRLVWPS
;
_entity_poly.pdbx_strand_id   A,B
#
loop_
_chem_comp.id
_chem_comp.type
_chem_comp.name
_chem_comp.formula
FAD non-polymer 'FLAVIN-ADENINE DINUCLEOTIDE' 'C27 H33 N9 O15 P2'
NAD non-polymer NICOTINAMIDE-ADENINE-DINUCLEOTIDE 'C21 H27 N7 O14 P2'
#
# COMPACT_ATOMS: atom_id res chain seq x y z
N MET A 1 17.96 -13.46 5.60
CA MET A 1 18.54 -12.09 5.49
C MET A 1 17.44 -11.05 5.66
N LYS A 2 17.83 -9.81 5.93
CA LYS A 2 16.89 -8.71 6.09
C LYS A 2 15.76 -9.04 7.07
N GLU A 3 16.11 -9.73 8.16
CA GLU A 3 15.12 -10.11 9.17
C GLU A 3 14.33 -8.95 9.77
N ALA A 4 15.02 -7.88 10.15
CA ALA A 4 14.34 -6.73 10.76
C ALA A 4 13.43 -6.02 9.76
N PHE A 5 13.93 -5.83 8.54
CA PHE A 5 13.17 -5.19 7.48
C PHE A 5 11.87 -5.96 7.24
N LYS A 6 11.98 -7.28 7.13
CA LYS A 6 10.80 -8.11 6.90
C LYS A 6 9.83 -8.05 8.06
N GLU A 7 10.35 -8.05 9.28
CA GLU A 7 9.51 -7.98 10.47
C GLU A 7 8.71 -6.68 10.48
N ALA A 8 9.37 -5.58 10.12
CA ALA A 8 8.72 -4.27 10.09
C ALA A 8 7.60 -4.23 9.04
N LEU A 9 7.89 -4.73 7.84
CA LEU A 9 6.88 -4.74 6.79
C LEU A 9 5.75 -5.70 7.08
N ALA A 10 6.02 -6.73 7.87
CA ALA A 10 4.99 -7.69 8.23
C ALA A 10 4.02 -7.00 9.18
N ARG A 11 4.46 -5.85 9.71
CA ARG A 11 3.63 -5.09 10.63
C ARG A 11 2.80 -4.02 9.94
N PHE A 12 2.83 -4.01 8.61
CA PHE A 12 2.00 -3.08 7.87
C PHE A 12 0.88 -3.90 7.28
N ALA A 13 -0.31 -3.73 7.83
CA ALA A 13 -1.48 -4.46 7.35
C ALA A 13 -1.89 -3.93 5.98
N SER A 14 -2.53 -4.79 5.18
CA SER A 14 -2.98 -4.36 3.87
C SER A 14 -4.01 -5.32 3.30
N GLY A 15 -4.80 -4.81 2.36
CA GLY A 15 -5.77 -5.66 1.71
C GLY A 15 -4.94 -6.54 0.80
N VAL A 16 -5.57 -7.46 0.08
CA VAL A 16 -4.85 -8.34 -0.82
C VAL A 16 -5.45 -8.18 -2.21
N THR A 17 -4.60 -8.01 -3.22
CA THR A 17 -5.08 -7.85 -4.59
C THR A 17 -4.54 -8.93 -5.50
N VAL A 18 -5.16 -9.03 -6.68
CA VAL A 18 -4.73 -9.95 -7.71
C VAL A 18 -4.57 -9.05 -8.93
N VAL A 19 -3.35 -8.96 -9.45
CA VAL A 19 -3.09 -8.13 -10.62
C VAL A 19 -3.04 -9.08 -11.82
N ALA A 20 -3.69 -8.67 -12.91
CA ALA A 20 -3.71 -9.52 -14.09
C ALA A 20 -3.57 -8.73 -15.38
N ALA A 21 -3.01 -9.38 -16.39
CA ALA A 21 -2.83 -8.76 -17.70
C ALA A 21 -3.01 -9.85 -18.74
N ARG A 22 -3.29 -9.47 -19.97
CA ARG A 22 -3.49 -10.44 -21.03
C ARG A 22 -3.05 -9.94 -22.40
N LEU A 23 -2.45 -10.84 -23.18
CA LEU A 23 -2.00 -10.54 -24.53
C LEU A 23 -2.66 -11.56 -25.45
N GLY A 24 -3.88 -11.28 -25.87
CA GLY A 24 -4.60 -12.20 -26.73
C GLY A 24 -5.31 -13.23 -25.87
N GLU A 25 -4.71 -14.41 -25.74
CA GLU A 25 -5.29 -15.47 -24.93
C GLU A 25 -4.30 -15.90 -23.85
N GLU A 26 -3.16 -15.23 -23.80
CA GLU A 26 -2.14 -15.51 -22.79
C GLU A 26 -2.40 -14.55 -21.62
N GLU A 27 -3.04 -15.08 -20.58
CA GLU A 27 -3.39 -14.27 -19.42
C GLU A 27 -2.71 -14.74 -18.14
N ARG A 28 -2.13 -13.79 -17.40
CA ARG A 28 -1.44 -14.08 -16.16
C ARG A 28 -2.08 -13.31 -15.00
N GLY A 29 -2.05 -13.93 -13.83
CA GLY A 29 -2.60 -13.32 -12.63
C GLY A 29 -1.57 -13.46 -11.53
N MET A 30 -1.46 -12.46 -10.67
CA MET A 30 -0.49 -12.51 -9.58
C MET A 30 -0.99 -11.81 -8.32
N THR A 31 -0.88 -12.50 -7.19
CA THR A 31 -1.31 -11.93 -5.92
C THR A 31 -0.32 -10.86 -5.49
N ALA A 32 -0.84 -9.72 -5.02
CA ALA A 32 0.01 -8.63 -4.59
C ALA A 32 -0.61 -7.81 -3.46
N THR A 33 0.21 -7.50 -2.45
CA THR A 33 -0.24 -6.67 -1.34
C THR A 33 0.37 -5.28 -1.53
N ALA A 34 1.42 -5.20 -2.32
CA ALA A 34 2.08 -3.92 -2.60
C ALA A 34 1.25 -3.15 -3.62
N PHE A 35 0.22 -2.48 -3.10
CA PHE A 35 -0.72 -1.71 -3.92
C PHE A 35 -1.12 -0.46 -3.13
N MET A 36 -1.37 0.63 -3.83
CA MET A 36 -1.80 1.85 -3.15
C MET A 36 -2.44 2.83 -4.11
N SER A 37 -3.31 3.68 -3.58
CA SER A 37 -3.92 4.71 -4.39
C SER A 37 -2.77 5.66 -4.63
N LEU A 38 -2.71 6.27 -5.81
CA LEU A 38 -1.63 7.18 -6.10
C LEU A 38 -2.07 8.61 -6.39
N SER A 39 -3.01 8.76 -7.32
CA SER A 39 -3.49 10.07 -7.72
C SER A 39 -4.99 10.11 -7.99
N LEU A 40 -5.59 11.28 -7.82
CA LEU A 40 -7.02 11.43 -8.05
C LEU A 40 -7.22 11.99 -9.46
N GLU A 41 -6.43 13.01 -9.80
CA GLU A 41 -6.47 13.65 -11.12
C GLU A 41 -5.06 13.77 -11.67
N PRO A 42 -4.69 12.88 -12.62
CA PRO A 42 -5.53 11.81 -13.14
C PRO A 42 -5.69 10.69 -12.11
N PRO A 43 -6.67 9.80 -12.30
CA PRO A 43 -6.90 8.70 -11.36
C PRO A 43 -5.85 7.60 -11.59
N LEU A 44 -4.87 7.53 -10.69
CA LEU A 44 -3.81 6.54 -10.81
C LEU A 44 -3.64 5.69 -9.56
N VAL A 45 -3.15 4.47 -9.76
CA VAL A 45 -2.86 3.56 -8.66
C VAL A 45 -1.45 3.06 -8.93
N ALA A 46 -0.75 2.62 -7.88
CA ALA A 46 0.60 2.12 -8.04
C ALA A 46 0.74 0.77 -7.36
N LEU A 47 1.66 -0.04 -7.87
CA LEU A 47 1.90 -1.36 -7.30
C LEU A 47 3.31 -1.82 -7.63
N ALA A 48 3.81 -2.77 -6.86
CA ALA A 48 5.15 -3.29 -7.08
C ALA A 48 5.05 -4.72 -7.56
N VAL A 49 5.66 -4.98 -8.71
CA VAL A 49 5.66 -6.32 -9.31
C VAL A 49 7.12 -6.77 -9.42
N SER A 50 7.42 -7.95 -8.90
CA SER A 50 8.77 -8.49 -8.95
C SER A 50 9.32 -8.50 -10.36
N GLU A 51 10.61 -8.21 -10.50
CA GLU A 51 11.24 -8.22 -11.81
C GLU A 51 11.29 -9.64 -12.37
N ARG A 52 11.08 -10.62 -11.50
CA ARG A 52 11.09 -12.02 -11.91
C ARG A 52 9.69 -12.58 -12.08
N ALA A 53 8.68 -11.74 -11.91
CA ALA A 53 7.29 -12.17 -12.06
C ALA A 53 6.95 -12.41 -13.52
N LYS A 54 6.31 -13.56 -13.79
CA LYS A 54 5.93 -13.90 -15.15
C LYS A 54 4.87 -12.93 -15.64
N LEU A 55 4.17 -12.30 -14.70
CA LEU A 55 3.14 -11.34 -15.04
C LEU A 55 3.71 -10.10 -15.72
N LEU A 56 4.86 -9.64 -15.25
CA LEU A 56 5.48 -8.43 -15.78
C LEU A 56 5.60 -8.34 -17.30
N PRO A 57 6.21 -9.35 -17.95
CA PRO A 57 6.36 -9.32 -19.41
C PRO A 57 5.04 -9.10 -20.12
N VAL A 58 4.01 -9.84 -19.69
CA VAL A 58 2.68 -9.75 -20.26
C VAL A 58 2.08 -8.37 -20.00
N LEU A 59 2.21 -7.89 -18.77
CA LEU A 59 1.67 -6.59 -18.40
C LEU A 59 2.27 -5.49 -19.27
N GLU A 60 3.59 -5.51 -19.46
CA GLU A 60 4.26 -4.52 -20.29
C GLU A 60 3.75 -4.64 -21.72
N GLY A 61 3.76 -5.86 -22.24
CA GLY A 61 3.31 -6.09 -23.61
C GLY A 61 1.87 -5.65 -23.84
N ALA A 62 1.01 -5.92 -22.87
CA ALA A 62 -0.41 -5.57 -22.98
C ALA A 62 -0.65 -4.07 -22.85
N GLY A 63 0.17 -3.40 -22.04
CA GLY A 63 0.02 -1.97 -21.85
C GLY A 63 -1.26 -1.65 -21.08
N ALA A 64 -1.79 -2.66 -20.40
CA ALA A 64 -3.01 -2.53 -19.60
C ALA A 64 -3.10 -3.70 -18.63
N PHE A 65 -3.89 -3.53 -17.57
CA PHE A 65 -4.03 -4.59 -16.58
C PHE A 65 -5.22 -4.34 -15.65
N THR A 66 -5.52 -5.31 -14.80
CA THR A 66 -6.60 -5.16 -13.86
C THR A 66 -6.10 -5.43 -12.46
N VAL A 67 -6.81 -4.90 -11.47
CA VAL A 67 -6.45 -5.09 -10.07
C VAL A 67 -7.77 -5.42 -9.37
N SER A 68 -7.84 -6.61 -8.77
CA SER A 68 -9.04 -7.02 -8.06
C SER A 68 -8.77 -7.02 -6.56
N LEU A 69 -9.62 -6.33 -5.80
CA LEU A 69 -9.46 -6.25 -4.35
C LEU A 69 -10.24 -7.40 -3.72
N LEU A 70 -9.53 -8.34 -3.13
CA LEU A 70 -10.16 -9.52 -2.53
C LEU A 70 -10.94 -9.24 -1.25
N ARG A 71 -12.05 -9.97 -1.09
CA ARG A 71 -12.89 -9.82 0.08
C ARG A 71 -12.65 -10.93 1.09
N GLU A 72 -13.21 -10.76 2.28
CA GLU A 72 -13.09 -11.75 3.35
C GLU A 72 -13.59 -13.10 2.84
N GLY A 73 -12.78 -14.14 3.02
CA GLY A 73 -13.16 -15.47 2.57
C GLY A 73 -12.55 -15.89 1.25
N GLN A 74 -11.71 -15.04 0.65
CA GLN A 74 -11.08 -15.36 -0.61
C GLN A 74 -9.60 -15.73 -0.48
N GLU A 75 -9.24 -16.34 0.65
CA GLU A 75 -7.86 -16.74 0.88
C GLU A 75 -7.39 -17.69 -0.23
N ALA A 76 -8.30 -18.54 -0.69
CA ALA A 76 -7.97 -19.50 -1.74
C ALA A 76 -7.53 -18.79 -3.01
N VAL A 77 -8.19 -17.69 -3.35
CA VAL A 77 -7.84 -16.93 -4.55
C VAL A 77 -6.45 -16.32 -4.39
N SER A 78 -6.18 -15.79 -3.20
CA SER A 78 -4.88 -15.19 -2.94
C SER A 78 -3.77 -16.24 -3.07
N GLU A 79 -3.94 -17.38 -2.41
CA GLU A 79 -2.96 -18.45 -2.46
C GLU A 79 -2.70 -18.93 -3.90
N HIS A 80 -3.78 -19.14 -4.64
CA HIS A 80 -3.67 -19.60 -6.03
C HIS A 80 -2.79 -18.69 -6.87
N PHE A 81 -3.10 -17.40 -6.88
CA PHE A 81 -2.33 -16.45 -7.67
C PHE A 81 -1.00 -16.06 -7.04
N ALA A 82 -0.70 -16.65 -5.88
CA ALA A 82 0.56 -16.40 -5.20
C ALA A 82 1.57 -17.47 -5.59
N GLY A 83 1.10 -18.48 -6.34
CA GLY A 83 1.97 -19.55 -6.76
C GLY A 83 1.60 -20.92 -6.21
N ARG A 84 0.56 -20.95 -5.37
CA ARG A 84 0.11 -22.20 -4.77
C ARG A 84 -1.28 -22.55 -5.32
N PRO A 85 -1.32 -23.13 -6.53
CA PRO A 85 -2.56 -23.52 -7.21
C PRO A 85 -3.64 -24.12 -6.33
N LYS A 86 -4.87 -23.66 -6.53
CA LYS A 86 -6.02 -24.14 -5.78
C LYS A 86 -7.09 -24.57 -6.78
N GLU A 87 -7.98 -25.45 -6.35
CA GLU A 87 -9.04 -25.95 -7.23
C GLU A 87 -10.12 -24.93 -7.55
N GLY A 88 -10.56 -24.93 -8.81
CA GLY A 88 -11.62 -24.04 -9.25
C GLY A 88 -11.35 -22.55 -9.24
N ILE A 89 -10.09 -22.14 -9.34
CA ILE A 89 -9.77 -20.71 -9.35
C ILE A 89 -9.37 -20.27 -10.75
N ALA A 90 -10.09 -19.28 -11.29
CA ALA A 90 -9.80 -18.78 -12.63
C ALA A 90 -10.19 -17.31 -12.78
N LEU A 91 -9.53 -16.63 -13.70
CA LEU A 91 -9.82 -15.23 -13.98
C LEU A 91 -11.03 -15.18 -14.92
N GLU A 92 -11.89 -14.19 -14.72
CA GLU A 92 -13.06 -14.02 -15.56
C GLU A 92 -13.12 -12.58 -16.03
N GLU A 93 -13.17 -12.38 -17.34
CA GLU A 93 -13.21 -11.04 -17.91
C GLU A 93 -11.93 -10.31 -17.51
N GLY A 94 -10.84 -11.06 -17.39
CA GLY A 94 -9.56 -10.46 -17.05
C GLY A 94 -9.36 -10.13 -15.58
N ARG A 95 -10.33 -10.47 -14.74
CA ARG A 95 -10.21 -10.18 -13.31
C ARG A 95 -10.85 -11.24 -12.42
N VAL A 96 -10.81 -11.00 -11.11
CA VAL A 96 -11.40 -11.92 -10.15
C VAL A 96 -12.86 -11.59 -9.90
N LYS A 97 -13.74 -12.54 -10.21
CA LYS A 97 -15.17 -12.33 -10.01
C LYS A 97 -15.48 -12.40 -8.52
N GLY A 98 -16.45 -11.59 -8.08
CA GLY A 98 -16.85 -11.59 -6.68
C GLY A 98 -15.93 -10.83 -5.74
N ALA A 99 -15.05 -10.00 -6.30
CA ALA A 99 -14.15 -9.21 -5.47
C ALA A 99 -14.84 -7.95 -4.98
N LEU A 100 -14.25 -7.28 -3.99
CA LEU A 100 -14.84 -6.05 -3.47
C LEU A 100 -14.89 -4.99 -4.55
N ALA A 101 -13.86 -4.98 -5.40
CA ALA A 101 -13.78 -4.01 -6.49
C ALA A 101 -12.71 -4.42 -7.48
N VAL A 102 -12.87 -3.95 -8.72
CA VAL A 102 -11.91 -4.22 -9.77
C VAL A 102 -11.56 -2.92 -10.48
N LEU A 103 -10.27 -2.71 -10.71
CA LEU A 103 -9.81 -1.52 -11.41
C LEU A 103 -9.21 -1.96 -12.73
N ARG A 104 -9.75 -1.45 -13.85
CA ARG A 104 -9.20 -1.79 -15.15
C ARG A 104 -8.35 -0.59 -15.51
N CYS A 105 -7.05 -0.81 -15.65
CA CYS A 105 -6.11 0.27 -15.93
C CYS A 105 -5.35 0.16 -17.22
N ARG A 106 -4.86 1.32 -17.66
CA ARG A 106 -4.02 1.42 -18.85
C ARG A 106 -2.65 1.70 -18.23
N LEU A 107 -1.61 1.03 -18.70
CA LEU A 107 -0.29 1.26 -18.15
C LEU A 107 0.11 2.72 -18.38
N HIS A 108 0.40 3.43 -17.30
CA HIS A 108 0.75 4.85 -17.36
C HIS A 108 2.26 5.07 -17.32
N ALA A 109 2.95 4.28 -16.50
CA ALA A 109 4.39 4.40 -16.37
C ALA A 109 4.99 3.21 -15.64
N LEU A 110 6.29 3.04 -15.82
CA LEU A 110 7.05 1.97 -15.18
C LEU A 110 8.31 2.65 -14.66
N TYR A 111 8.56 2.51 -13.36
CA TYR A 111 9.73 3.11 -12.74
C TYR A 111 10.53 2.07 -11.99
N PRO A 112 11.87 2.27 -11.90
CA PRO A 112 12.77 1.36 -11.20
C PRO A 112 12.38 1.22 -9.72
N GLY A 113 12.41 -0.01 -9.21
CA GLY A 113 12.05 -0.24 -7.82
C GLY A 113 12.88 -1.36 -7.20
N GLY A 114 14.19 -1.32 -7.39
CA GLY A 114 15.03 -2.36 -6.82
C GLY A 114 14.73 -3.67 -7.52
N ASP A 115 14.46 -4.73 -6.76
CA ASP A 115 14.15 -6.01 -7.37
C ASP A 115 12.69 -6.11 -7.82
N HIS A 116 11.98 -4.99 -7.76
CA HIS A 116 10.59 -4.92 -8.20
C HIS A 116 10.48 -3.72 -9.15
N ARG A 117 9.42 -3.68 -9.94
CA ARG A 117 9.20 -2.57 -10.85
C ARG A 117 7.97 -1.85 -10.31
N ILE A 118 8.01 -0.52 -10.33
CA ILE A 118 6.86 0.26 -9.88
C ILE A 118 5.92 0.38 -11.08
N VAL A 119 4.75 -0.24 -10.97
CA VAL A 119 3.77 -0.20 -12.05
C VAL A 119 2.68 0.81 -11.73
N VAL A 120 2.53 1.81 -12.61
CA VAL A 120 1.53 2.85 -12.43
C VAL A 120 0.41 2.70 -13.44
N GLY A 121 -0.82 2.57 -12.94
CA GLY A 121 -1.95 2.42 -13.84
C GLY A 121 -2.94 3.57 -13.81
N LEU A 122 -3.46 3.90 -14.99
CA LEU A 122 -4.46 4.94 -15.15
C LEU A 122 -5.80 4.23 -15.13
N VAL A 123 -6.59 4.45 -14.08
CA VAL A 123 -7.87 3.78 -13.97
C VAL A 123 -8.89 4.26 -15.01
N GLU A 124 -9.24 3.38 -15.94
CA GLU A 124 -10.21 3.73 -16.99
C GLU A 124 -11.60 3.19 -16.69
N GLU A 125 -11.67 2.11 -15.92
CA GLU A 125 -12.95 1.51 -15.54
C GLU A 125 -12.89 1.02 -14.11
N VAL A 126 -14.02 1.09 -13.43
CA VAL A 126 -14.14 0.63 -12.06
C VAL A 126 -15.36 -0.26 -11.94
N GLU A 127 -15.19 -1.38 -11.27
CA GLU A 127 -16.28 -2.33 -11.06
C GLU A 127 -16.37 -2.54 -9.56
N LEU A 128 -17.59 -2.44 -9.01
CA LEU A 128 -17.76 -2.61 -7.58
C LEU A 128 -18.61 -3.83 -7.26
N GLY A 129 -18.16 -4.62 -6.29
CA GLY A 129 -18.90 -5.80 -5.90
C GLY A 129 -19.75 -5.48 -4.69
N GLU A 130 -20.35 -6.51 -4.07
CA GLU A 130 -21.16 -6.28 -2.88
C GLU A 130 -20.27 -5.70 -1.80
N GLY A 131 -20.88 -5.02 -0.84
CA GLY A 131 -20.11 -4.46 0.26
C GLY A 131 -19.67 -5.58 1.17
N GLY A 132 -19.05 -5.25 2.29
CA GLY A 132 -18.60 -6.29 3.20
C GLY A 132 -17.12 -6.15 3.56
N PRO A 133 -16.63 -6.98 4.50
CA PRO A 133 -15.25 -7.01 5.01
C PRO A 133 -14.25 -7.47 3.95
N PRO A 134 -13.01 -6.98 4.05
CA PRO A 134 -11.94 -7.32 3.11
C PRO A 134 -11.04 -8.45 3.58
N LEU A 135 -10.24 -8.97 2.67
CA LEU A 135 -9.27 -10.00 2.99
C LEU A 135 -8.06 -9.15 3.39
N VAL A 136 -7.54 -9.38 4.59
CA VAL A 136 -6.40 -8.61 5.06
C VAL A 136 -5.21 -9.52 5.35
N TYR A 137 -4.02 -9.00 5.12
CA TYR A 137 -2.80 -9.74 5.38
C TYR A 137 -2.01 -8.92 6.39
N PHE A 138 -1.55 -9.58 7.45
CA PHE A 138 -0.79 -8.90 8.49
C PHE A 138 -0.06 -9.96 9.31
N GLN A 139 1.20 -9.68 9.65
CA GLN A 139 2.00 -10.62 10.42
C GLN A 139 1.96 -12.03 9.84
N ARG A 140 2.32 -12.12 8.56
CA ARG A 140 2.40 -13.39 7.84
C ARG A 140 1.15 -14.27 7.94
N GLY A 141 -0.02 -13.66 7.85
CA GLY A 141 -1.25 -14.43 7.92
C GLY A 141 -2.45 -13.62 7.46
N TYR A 142 -3.49 -14.33 7.02
CA TYR A 142 -4.72 -13.68 6.59
C TYR A 142 -5.49 -13.32 7.85
N ARG A 143 -5.96 -12.09 7.92
CA ARG A 143 -6.70 -11.63 9.09
C ARG A 143 -8.08 -11.10 8.72
N ARG A 144 -8.92 -10.96 9.74
CA ARG A 144 -10.25 -10.44 9.53
C ARG A 144 -10.40 -9.15 10.33
N LEU A 145 -11.21 -8.24 9.83
CA LEU A 145 -11.45 -6.98 10.51
C LEU A 145 -12.63 -7.14 11.44
N VAL A 146 -12.67 -6.35 12.52
CA VAL A 146 -13.81 -6.39 13.41
C VAL A 146 -14.86 -5.70 12.55
N TRP A 147 -15.94 -6.42 12.25
CA TRP A 147 -16.99 -5.91 11.38
C TRP A 147 -18.23 -6.74 11.75
N PRO A 148 -18.79 -6.49 12.95
CA PRO A 148 -19.97 -7.22 13.43
C PRO A 148 -21.31 -6.67 12.95
N SER A 149 -22.34 -7.51 13.05
CA SER A 149 -23.68 -7.13 12.64
C SER A 149 -24.54 -6.78 13.86
N MET B 1 -16.84 14.42 -8.36
CA MET B 1 -16.47 13.34 -9.32
C MET B 1 -15.53 12.34 -8.65
N LYS B 2 -15.13 11.33 -9.41
CA LYS B 2 -14.25 10.28 -8.92
C LYS B 2 -14.89 9.48 -7.80
N GLU B 3 -16.22 9.54 -7.69
CA GLU B 3 -16.92 8.80 -6.64
C GLU B 3 -16.65 7.30 -6.73
N ALA B 4 -16.69 6.76 -7.94
CA ALA B 4 -16.44 5.33 -8.14
C ALA B 4 -15.00 4.95 -7.81
N PHE B 5 -14.06 5.78 -8.25
CA PHE B 5 -12.65 5.52 -7.98
C PHE B 5 -12.42 5.52 -6.46
N LYS B 6 -13.00 6.50 -5.78
CA LYS B 6 -12.85 6.62 -4.34
C LYS B 6 -13.51 5.48 -3.58
N GLU B 7 -14.67 5.03 -4.06
CA GLU B 7 -15.36 3.92 -3.42
C GLU B 7 -14.51 2.65 -3.56
N ALA B 8 -13.90 2.48 -4.73
CA ALA B 8 -13.05 1.33 -4.97
C ALA B 8 -11.83 1.34 -4.06
N LEU B 9 -11.12 2.46 -4.01
CA LEU B 9 -9.94 2.55 -3.15
C LEU B 9 -10.30 2.52 -1.67
N ALA B 10 -11.50 2.96 -1.32
CA ALA B 10 -11.93 2.94 0.08
C ALA B 10 -12.06 1.47 0.49
N ARG B 11 -12.14 0.59 -0.50
CA ARG B 11 -12.26 -0.82 -0.25
C ARG B 11 -10.93 -1.54 -0.14
N PHE B 12 -9.83 -0.78 -0.18
CA PHE B 12 -8.52 -1.39 -0.01
C PHE B 12 -8.08 -1.01 1.40
N ALA B 13 -8.07 -1.99 2.28
CA ALA B 13 -7.68 -1.77 3.66
C ALA B 13 -6.17 -1.59 3.75
N SER B 14 -5.72 -0.86 4.76
CA SER B 14 -4.29 -0.67 4.95
C SER B 14 -3.95 -0.19 6.34
N GLY B 15 -2.68 -0.33 6.70
CA GLY B 15 -2.23 0.16 7.99
C GLY B 15 -2.12 1.66 7.78
N VAL B 16 -1.72 2.38 8.81
CA VAL B 16 -1.59 3.82 8.72
C VAL B 16 -0.20 4.23 9.17
N THR B 17 0.45 5.11 8.40
CA THR B 17 1.79 5.55 8.75
C THR B 17 1.87 7.06 8.94
N VAL B 18 2.96 7.48 9.55
CA VAL B 18 3.24 8.90 9.71
C VAL B 18 4.62 9.02 9.08
N VAL B 19 4.72 9.83 8.04
CA VAL B 19 5.98 10.04 7.35
C VAL B 19 6.51 11.37 7.83
N ALA B 20 7.78 11.41 8.20
CA ALA B 20 8.36 12.64 8.71
C ALA B 20 9.75 12.93 8.16
N ALA B 21 10.10 14.20 8.13
CA ALA B 21 11.40 14.62 7.64
C ALA B 21 11.79 15.89 8.38
N ARG B 22 13.10 16.12 8.51
CA ARG B 22 13.60 17.31 9.18
C ARG B 22 14.65 17.97 8.32
N LEU B 23 14.49 19.27 8.11
CA LEU B 23 15.43 20.06 7.33
C LEU B 23 15.64 21.36 8.09
N GLY B 24 16.78 21.47 8.77
CA GLY B 24 17.05 22.67 9.53
C GLY B 24 16.05 22.91 10.65
N GLU B 25 15.51 24.13 10.72
CA GLU B 25 14.56 24.48 11.75
C GLU B 25 13.19 23.81 11.56
N GLU B 26 12.97 23.20 10.41
CA GLU B 26 11.67 22.58 10.16
C GLU B 26 11.63 21.06 10.18
N GLU B 27 10.64 20.53 10.89
CA GLU B 27 10.44 19.09 10.94
C GLU B 27 8.95 18.89 10.77
N ARG B 28 8.57 18.09 9.79
CA ARG B 28 7.16 17.86 9.52
C ARG B 28 6.80 16.39 9.50
N GLY B 29 5.57 16.12 9.89
CA GLY B 29 5.03 14.78 9.91
C GLY B 29 3.73 14.83 9.13
N MET B 30 3.38 13.73 8.47
CA MET B 30 2.16 13.65 7.69
C MET B 30 1.62 12.24 7.70
N THR B 31 0.31 12.12 7.88
CA THR B 31 -0.34 10.81 7.89
C THR B 31 -0.46 10.29 6.47
N ALA B 32 -0.11 9.03 6.26
CA ALA B 32 -0.20 8.42 4.94
C ALA B 32 -0.57 6.94 4.98
N THR B 33 -1.52 6.55 4.14
CA THR B 33 -1.89 5.15 4.03
C THR B 33 -1.30 4.62 2.74
N ALA B 34 -0.90 5.52 1.83
CA ALA B 34 -0.32 5.12 0.56
C ALA B 34 1.15 4.78 0.81
N PHE B 35 1.36 3.56 1.29
CA PHE B 35 2.68 3.04 1.62
C PHE B 35 2.72 1.58 1.23
N MET B 36 3.89 1.10 0.82
CA MET B 36 4.02 -0.30 0.45
C MET B 36 5.48 -0.73 0.41
N SER B 37 5.69 -2.00 0.68
CA SER B 37 7.03 -2.58 0.63
C SER B 37 7.34 -2.53 -0.86
N LEU B 38 8.59 -2.29 -1.22
CA LEU B 38 8.93 -2.22 -2.63
C LEU B 38 9.98 -3.24 -3.06
N SER B 39 11.11 -3.26 -2.35
CA SER B 39 12.20 -4.16 -2.70
C SER B 39 12.88 -4.75 -1.47
N LEU B 40 13.51 -5.91 -1.65
CA LEU B 40 14.23 -6.55 -0.56
C LEU B 40 15.71 -6.27 -0.77
N GLU B 41 16.14 -6.36 -2.02
CA GLU B 41 17.53 -6.09 -2.39
C GLU B 41 17.61 -5.11 -3.57
N PRO B 42 17.87 -3.82 -3.29
CA PRO B 42 18.08 -3.28 -1.94
C PRO B 42 16.76 -3.15 -1.18
N PRO B 43 16.81 -2.93 0.15
CA PRO B 43 15.60 -2.79 0.96
C PRO B 43 14.94 -1.44 0.73
N LEU B 44 13.85 -1.43 -0.04
CA LEU B 44 13.16 -0.19 -0.36
C LEU B 44 11.67 -0.21 -0.04
N VAL B 45 11.12 0.99 0.20
CA VAL B 45 9.69 1.14 0.45
C VAL B 45 9.24 2.30 -0.45
N ALA B 46 7.96 2.32 -0.80
CA ALA B 46 7.44 3.39 -1.65
C ALA B 46 6.24 4.03 -0.98
N LEU B 47 6.08 5.34 -1.19
CA LEU B 47 4.96 6.11 -0.64
C LEU B 47 4.51 7.15 -1.65
N ALA B 48 3.27 7.61 -1.51
CA ALA B 48 2.75 8.63 -2.39
C ALA B 48 2.42 9.84 -1.52
N VAL B 49 3.13 10.94 -1.78
CA VAL B 49 2.93 12.17 -1.02
C VAL B 49 2.35 13.23 -1.96
N SER B 50 1.25 13.85 -1.53
CA SER B 50 0.58 14.87 -2.31
C SER B 50 1.54 15.97 -2.73
N GLU B 51 1.39 16.44 -3.97
CA GLU B 51 2.23 17.51 -4.46
C GLU B 51 1.92 18.79 -3.67
N ARG B 52 0.79 18.78 -2.98
CA ARG B 52 0.36 19.92 -2.17
C ARG B 52 0.80 19.82 -0.71
N ALA B 53 1.39 18.68 -0.32
CA ALA B 53 1.83 18.46 1.06
C ALA B 53 3.00 19.35 1.48
N LYS B 54 2.88 19.95 2.66
CA LYS B 54 3.96 20.80 3.17
C LYS B 54 5.16 19.94 3.51
N LEU B 55 4.92 18.66 3.78
CA LEU B 55 5.99 17.73 4.09
C LEU B 55 6.94 17.52 2.90
N LEU B 56 6.39 17.54 1.69
CA LEU B 56 7.19 17.27 0.50
C LEU B 56 8.50 18.04 0.33
N PRO B 57 8.46 19.38 0.35
CA PRO B 57 9.70 20.15 0.18
C PRO B 57 10.73 19.87 1.27
N VAL B 58 10.26 19.56 2.47
CA VAL B 58 11.15 19.27 3.59
C VAL B 58 11.84 17.93 3.34
N LEU B 59 11.05 16.94 2.95
CA LEU B 59 11.56 15.62 2.66
C LEU B 59 12.56 15.65 1.51
N GLU B 60 12.24 16.42 0.46
CA GLU B 60 13.14 16.54 -0.68
C GLU B 60 14.47 17.15 -0.29
N GLY B 61 14.40 18.24 0.49
CA GLY B 61 15.62 18.91 0.92
C GLY B 61 16.44 18.12 1.90
N ALA B 62 15.76 17.40 2.80
CA ALA B 62 16.44 16.58 3.80
C ALA B 62 17.16 15.39 3.17
N GLY B 63 16.57 14.82 2.13
CA GLY B 63 17.17 13.67 1.48
C GLY B 63 17.07 12.43 2.35
N ALA B 64 16.19 12.49 3.34
CA ALA B 64 16.00 11.36 4.25
C ALA B 64 14.69 11.57 4.99
N PHE B 65 14.10 10.48 5.47
CA PHE B 65 12.84 10.59 6.18
C PHE B 65 12.56 9.34 7.00
N THR B 66 11.51 9.38 7.80
CA THR B 66 11.15 8.22 8.61
C THR B 66 9.71 7.85 8.34
N VAL B 67 9.39 6.58 8.57
CA VAL B 67 8.04 6.10 8.37
C VAL B 67 7.72 5.31 9.63
N SER B 68 6.69 5.74 10.34
CA SER B 68 6.27 5.07 11.56
C SER B 68 4.95 4.37 11.29
N LEU B 69 4.88 3.07 11.54
CA LEU B 69 3.66 2.30 11.34
C LEU B 69 2.86 2.32 12.64
N LEU B 70 1.69 2.97 12.61
CA LEU B 70 0.86 3.12 13.81
C LEU B 70 0.16 1.85 14.31
N ARG B 71 0.12 1.70 15.63
CA ARG B 71 -0.53 0.54 16.24
C ARG B 71 -1.93 0.90 16.70
N GLU B 72 -2.71 -0.12 17.04
CA GLU B 72 -4.08 0.08 17.52
C GLU B 72 -4.01 1.02 18.72
N GLY B 73 -4.91 1.99 18.77
CA GLY B 73 -4.92 2.93 19.86
C GLY B 73 -4.28 4.28 19.51
N GLN B 74 -3.63 4.35 18.36
CA GLN B 74 -2.98 5.60 17.95
C GLN B 74 -3.79 6.41 16.94
N GLU B 75 -5.12 6.27 16.99
CA GLU B 75 -5.97 7.01 16.07
C GLU B 75 -5.71 8.51 16.22
N ALA B 76 -5.51 8.98 17.44
CA ALA B 76 -5.26 10.40 17.68
C ALA B 76 -4.04 10.90 16.93
N VAL B 77 -3.00 10.07 16.85
CA VAL B 77 -1.78 10.44 16.16
C VAL B 77 -2.07 10.59 14.66
N SER B 78 -2.80 9.63 14.10
CA SER B 78 -3.16 9.67 12.69
C SER B 78 -3.97 10.93 12.37
N GLU B 79 -4.99 11.21 13.18
CA GLU B 79 -5.82 12.39 12.97
C GLU B 79 -5.00 13.67 13.03
N HIS B 80 -4.11 13.77 14.02
CA HIS B 80 -3.26 14.95 14.18
C HIS B 80 -2.41 15.20 12.95
N PHE B 81 -1.67 14.18 12.51
CA PHE B 81 -0.80 14.36 11.36
C PHE B 81 -1.56 14.39 10.04
N ALA B 82 -2.89 14.28 10.13
CA ALA B 82 -3.74 14.33 8.95
C ALA B 82 -4.40 15.71 8.86
N GLY B 83 -4.00 16.63 9.73
CA GLY B 83 -4.56 17.96 9.68
C GLY B 83 -5.60 18.32 10.73
N ARG B 84 -5.90 17.40 11.64
CA ARG B 84 -6.86 17.66 12.69
C ARG B 84 -6.12 17.60 14.02
N PRO B 85 -5.50 18.72 14.41
CA PRO B 85 -4.71 18.88 15.64
C PRO B 85 -5.32 18.28 16.91
N LYS B 86 -4.45 17.61 17.67
CA LYS B 86 -4.81 16.99 18.93
C LYS B 86 -3.78 17.51 19.91
N GLU B 87 -4.19 17.74 21.16
CA GLU B 87 -3.27 18.26 22.15
C GLU B 87 -2.10 17.34 22.47
N GLY B 88 -0.90 17.94 22.50
CA GLY B 88 0.30 17.20 22.84
C GLY B 88 0.87 16.13 21.94
N ILE B 89 0.40 16.02 20.69
CA ILE B 89 0.95 15.01 19.80
C ILE B 89 2.24 15.56 19.22
N ALA B 90 3.30 14.78 19.30
CA ALA B 90 4.59 15.24 18.78
C ALA B 90 5.47 14.10 18.32
N LEU B 91 6.48 14.47 17.54
CA LEU B 91 7.46 13.51 17.05
C LEU B 91 8.59 13.49 18.06
N GLU B 92 9.23 12.34 18.21
CA GLU B 92 10.36 12.19 19.12
C GLU B 92 11.44 11.45 18.35
N GLU B 93 12.63 12.05 18.28
CA GLU B 93 13.73 11.45 17.53
C GLU B 93 13.36 11.35 16.06
N GLY B 94 12.55 12.31 15.60
CA GLY B 94 12.14 12.33 14.20
C GLY B 94 11.07 11.35 13.78
N ARG B 95 10.48 10.63 14.74
CA ARG B 95 9.43 9.68 14.40
C ARG B 95 8.36 9.59 15.49
N VAL B 96 7.42 8.68 15.31
CA VAL B 96 6.34 8.50 16.28
C VAL B 96 6.73 7.45 17.32
N LYS B 97 6.77 7.85 18.59
CA LYS B 97 7.12 6.93 19.65
C LYS B 97 5.95 5.98 19.92
N GLY B 98 6.24 4.73 20.28
CA GLY B 98 5.20 3.77 20.57
C GLY B 98 4.56 3.11 19.36
N ALA B 99 5.15 3.33 18.18
CA ALA B 99 4.63 2.75 16.95
C ALA B 99 5.05 1.28 16.84
N LEU B 100 4.39 0.54 15.95
CA LEU B 100 4.72 -0.86 15.74
C LEU B 100 6.14 -0.99 15.21
N ALA B 101 6.53 -0.03 14.37
CA ALA B 101 7.85 -0.05 13.79
C ALA B 101 8.17 1.29 13.16
N VAL B 102 9.46 1.55 13.01
CA VAL B 102 9.92 2.78 12.39
C VAL B 102 10.99 2.44 11.38
N LEU B 103 10.86 3.00 10.19
CA LEU B 103 11.84 2.79 9.15
C LEU B 103 12.53 4.12 8.93
N ARG B 104 13.84 4.16 9.07
CA ARG B 104 14.58 5.39 8.83
C ARG B 104 15.18 5.19 7.46
N CYS B 105 14.77 6.01 6.52
CA CYS B 105 15.20 5.88 5.13
C CYS B 105 16.01 7.03 4.58
N ARG B 106 16.83 6.71 3.58
CA ARG B 106 17.59 7.70 2.86
C ARG B 106 16.72 7.88 1.63
N LEU B 107 16.58 9.10 1.13
CA LEU B 107 15.75 9.33 -0.05
C LEU B 107 16.48 8.69 -1.24
N HIS B 108 15.90 7.60 -1.75
CA HIS B 108 16.50 6.86 -2.85
C HIS B 108 16.15 7.40 -4.23
N ALA B 109 14.88 7.77 -4.41
CA ALA B 109 14.42 8.31 -5.69
C ALA B 109 13.02 8.87 -5.59
N LEU B 110 12.69 9.75 -6.53
CA LEU B 110 11.37 10.38 -6.60
C LEU B 110 10.89 10.27 -8.04
N TYR B 111 9.60 10.05 -8.24
CA TYR B 111 9.03 9.94 -9.57
C TYR B 111 7.69 10.67 -9.65
N PRO B 112 7.33 11.14 -10.85
CA PRO B 112 6.06 11.84 -11.01
C PRO B 112 4.93 10.86 -10.70
N GLY B 113 3.85 11.35 -10.12
CA GLY B 113 2.74 10.47 -9.79
C GLY B 113 1.38 11.16 -9.86
N GLY B 114 1.17 11.93 -10.93
CA GLY B 114 -0.10 12.63 -11.08
C GLY B 114 -0.14 13.78 -10.08
N ASP B 115 -1.15 13.80 -9.21
CA ASP B 115 -1.22 14.87 -8.23
C ASP B 115 -0.43 14.53 -6.96
N HIS B 116 0.30 13.41 -7.00
CA HIS B 116 1.15 12.96 -5.89
C HIS B 116 2.55 12.70 -6.44
N ARG B 117 3.53 12.59 -5.55
CA ARG B 117 4.90 12.29 -5.93
C ARG B 117 5.21 10.92 -5.37
N ILE B 118 5.80 10.05 -6.18
CA ILE B 118 6.17 8.73 -5.69
C ILE B 118 7.51 8.89 -4.99
N VAL B 119 7.53 8.57 -3.70
CA VAL B 119 8.75 8.68 -2.90
C VAL B 119 9.28 7.29 -2.58
N VAL B 120 10.55 7.04 -2.95
CA VAL B 120 11.18 5.76 -2.68
C VAL B 120 12.27 5.93 -1.62
N GLY B 121 12.20 5.12 -0.58
CA GLY B 121 13.19 5.21 0.48
C GLY B 121 14.01 3.95 0.63
N LEU B 122 15.31 4.14 0.85
CA LEU B 122 16.22 3.03 1.07
C LEU B 122 16.28 2.91 2.58
N VAL B 123 15.83 1.79 3.12
CA VAL B 123 15.82 1.59 4.55
C VAL B 123 17.23 1.35 5.09
N GLU B 124 17.67 2.24 5.98
CA GLU B 124 19.00 2.13 6.57
C GLU B 124 18.96 1.71 8.03
N GLU B 125 17.83 1.93 8.69
CA GLU B 125 17.67 1.56 10.11
C GLU B 125 16.23 1.13 10.35
N VAL B 126 16.06 0.12 11.20
CA VAL B 126 14.72 -0.36 11.54
C VAL B 126 14.57 -0.39 13.05
N GLU B 127 13.47 0.17 13.52
CA GLU B 127 13.16 0.22 14.95
C GLU B 127 11.90 -0.62 15.10
N LEU B 128 11.89 -1.58 16.02
CA LEU B 128 10.73 -2.42 16.24
C LEU B 128 10.09 -2.20 17.60
N GLY B 129 8.81 -1.86 17.62
CA GLY B 129 8.14 -1.65 18.89
C GLY B 129 7.69 -3.00 19.40
N GLU B 130 6.89 -3.01 20.46
CA GLU B 130 6.39 -4.26 21.01
C GLU B 130 5.31 -4.79 20.07
N GLY B 131 5.23 -6.11 19.95
CA GLY B 131 4.24 -6.70 19.07
C GLY B 131 2.84 -6.29 19.47
N GLY B 132 1.90 -6.41 18.53
CA GLY B 132 0.53 -6.05 18.82
C GLY B 132 -0.25 -5.75 17.55
N PRO B 133 -1.58 -5.53 17.66
CA PRO B 133 -2.44 -5.22 16.51
C PRO B 133 -2.16 -3.81 16.00
N PRO B 134 -2.40 -3.57 14.71
CA PRO B 134 -2.17 -2.28 14.07
C PRO B 134 -3.39 -1.37 13.96
N LEU B 135 -3.14 -0.12 13.56
CA LEU B 135 -4.20 0.85 13.32
C LEU B 135 -4.50 0.55 11.85
N VAL B 136 -5.77 0.35 11.53
CA VAL B 136 -6.17 0.04 10.17
C VAL B 136 -7.17 1.06 9.67
N TYR B 137 -7.15 1.33 8.37
CA TYR B 137 -8.10 2.26 7.76
C TYR B 137 -8.77 1.50 6.62
N PHE B 138 -10.10 1.56 6.58
CA PHE B 138 -10.87 0.86 5.56
C PHE B 138 -12.26 1.46 5.54
N GLN B 139 -12.79 1.69 4.35
CA GLN B 139 -14.12 2.26 4.19
C GLN B 139 -14.36 3.53 4.99
N ARG B 140 -13.43 4.47 4.83
CA ARG B 140 -13.54 5.78 5.47
C ARG B 140 -13.60 5.80 6.99
N GLY B 141 -12.86 4.88 7.63
CA GLY B 141 -12.85 4.85 9.08
C GLY B 141 -11.74 3.99 9.63
N TYR B 142 -11.35 4.24 10.88
CA TYR B 142 -10.32 3.46 11.53
C TYR B 142 -10.97 2.15 11.96
N ARG B 143 -10.27 1.05 11.75
CA ARG B 143 -10.81 -0.26 12.10
C ARG B 143 -9.81 -1.05 12.92
N ARG B 144 -10.26 -2.17 13.47
CA ARG B 144 -9.41 -3.03 14.27
C ARG B 144 -9.44 -4.43 13.67
N LEU B 145 -8.36 -5.18 13.87
CA LEU B 145 -8.29 -6.54 13.37
C LEU B 145 -8.82 -7.48 14.46
N VAL B 146 -9.42 -8.58 14.05
CA VAL B 146 -9.87 -9.58 15.01
C VAL B 146 -8.50 -10.16 15.37
N TRP B 147 -8.09 -9.98 16.62
CA TRP B 147 -6.77 -10.41 17.05
C TRP B 147 -6.74 -10.94 18.48
N PRO B 148 -6.04 -12.06 18.72
CA PRO B 148 -5.26 -12.85 17.76
C PRO B 148 -6.11 -13.82 16.94
N SER B 149 -5.47 -14.46 15.96
CA SER B 149 -6.16 -15.44 15.13
C SER B 149 -5.14 -16.41 14.53
PA FAD C . 3.53 -17.77 -11.09
O1A FAD C . 4.66 -18.16 -10.21
O2A FAD C . 3.18 -18.61 -12.28
O5B FAD C . 2.34 -17.58 -10.09
C5B FAD C . 1.04 -17.14 -10.46
C4B FAD C . 0.06 -18.17 -10.00
O4B FAD C . -1.19 -17.78 -10.59
C3B FAD C . 0.37 -19.59 -10.46
O3B FAD C . 0.29 -20.52 -9.40
C2B FAD C . -0.62 -19.87 -11.58
O2B FAD C . -1.12 -21.19 -11.67
C1B FAD C . -1.73 -18.82 -11.40
N9A FAD C . -2.18 -18.19 -12.64
C8A FAD C . -1.51 -17.32 -13.47
N7A FAD C . -2.20 -16.94 -14.52
C5A FAD C . -3.42 -17.59 -14.38
C6A FAD C . -4.62 -17.61 -15.18
N6A FAD C . -4.73 -16.90 -16.32
N1A FAD C . -5.67 -18.37 -14.75
C2A FAD C . -5.53 -19.09 -13.59
N3A FAD C . -4.46 -19.15 -12.77
C4A FAD C . -3.41 -18.35 -13.24
N1 FAD C . 4.85 -10.52 -5.32
C2 FAD C . 5.07 -9.27 -5.88
O2 FAD C . 5.85 -9.10 -6.86
N3 FAD C . 4.40 -8.15 -5.34
C4 FAD C . 3.49 -8.21 -4.27
O4 FAD C . 2.95 -7.15 -3.85
C4X FAD C . 3.27 -9.50 -3.71
N5 FAD C . 2.37 -9.63 -2.63
C5X FAD C . 2.16 -10.91 -2.08
C6 FAD C . 1.23 -11.05 -1.00
C7 FAD C . 0.98 -12.29 -0.42
C7M FAD C . -0.02 -12.35 0.74
C8 FAD C . 1.64 -13.45 -0.90
C8M FAD C . 1.41 -14.84 -0.32
C9 FAD C . 2.56 -13.33 -2.00
C9A FAD C . 2.84 -12.09 -2.59
N10 FAD C . 3.75 -11.94 -3.68
C10 FAD C . 3.97 -10.64 -4.26
C1' FAD C . 4.46 -13.12 -4.24
C2' FAD C . 4.02 -13.30 -5.67
O2' FAD C . 2.59 -13.49 -5.61
C3' FAD C . 4.72 -14.46 -6.39
O3' FAD C . 6.12 -14.16 -6.35
C4' FAD C . 4.21 -14.36 -7.79
O4' FAD C . 2.81 -14.72 -7.72
C5' FAD C . 4.75 -15.27 -8.81
O5' FAD C . 4.14 -14.61 -9.92
P FAD C . 4.33 -14.93 -11.42
O1P FAD C . 3.57 -13.87 -12.11
O2P FAD C . 5.78 -15.12 -11.69
O3P FAD C . 3.53 -16.28 -11.59
PA NAD D . 7.84 -12.39 5.17
O1A NAD D . 8.42 -13.26 4.11
O2A NAD D . 8.60 -12.19 6.41
O5B NAD D . 7.47 -10.97 4.53
C5B NAD D . 7.33 -9.81 5.37
C4B NAD D . 6.99 -8.56 4.55
O4B NAD D . 8.17 -7.98 3.99
C3B NAD D . 6.08 -8.89 3.37
O3B NAD D . 4.71 -8.85 3.78
C2B NAD D . 6.38 -7.72 2.44
O2B NAD D . 5.71 -6.54 2.90
C1B NAD D . 7.89 -7.57 2.64
N9A NAD D . 8.61 -8.45 1.69
C8A NAD D . 8.90 -9.73 1.90
N7A NAD D . 9.55 -10.22 0.84
C5A NAD D . 9.68 -9.23 -0.04
C6A NAD D . 10.24 -9.13 -1.31
N6A NAD D . 10.81 -10.19 -1.87
N1A NAD D . 10.18 -7.95 -1.95
C2A NAD D . 9.61 -6.89 -1.41
N3A NAD D . 9.07 -6.96 -0.21
C4A NAD D . 9.08 -8.10 0.50
O3 NAD D . 6.40 -13.01 5.59
PN NAD D . 5.07 -12.78 4.70
O1N NAD D . 4.66 -11.36 4.78
O2N NAD D . 4.09 -13.82 5.05
O5D NAD D . 5.59 -13.04 3.19
C5D NAD D . 5.73 -14.38 2.72
C4D NAD D . 6.33 -14.40 1.30
O4D NAD D . 5.37 -13.92 0.35
C3D NAD D . 7.53 -13.46 1.21
O3D NAD D . 8.74 -14.11 1.58
C2D NAD D . 7.54 -13.14 -0.29
O2D NAD D . 8.17 -14.19 -1.03
C1D NAD D . 6.05 -13.10 -0.62
N1N NAD D . 5.53 -11.72 -0.54
C2N NAD D . 6.05 -10.73 -1.40
C3N NAD D . 5.60 -9.41 -1.30
C7N NAD D . 6.20 -8.37 -2.24
O7N NAD D . 7.01 -8.69 -3.12
N7N NAD D . 5.76 -7.12 -2.05
C4N NAD D . 4.51 -9.03 -0.29
C5N NAD D . 4.24 -10.03 0.63
C6N NAD D . 4.55 -11.37 0.40
PA FAD E . -0.27 20.30 7.23
O1A FAD E . -1.50 20.62 6.40
O2A FAD E . 0.40 21.36 8.01
O5B FAD E . -0.81 19.12 8.14
C5B FAD E . 0.04 18.40 9.05
C4B FAD E . -0.59 18.27 10.40
O4B FAD E . 0.42 17.62 11.18
C3B FAD E . -0.91 19.59 11.05
O3B FAD E . -2.18 19.59 11.66
C2B FAD E . 0.23 19.84 12.03
O2B FAD E . -0.09 20.53 13.22
C1B FAD E . 0.82 18.44 12.28
N9A FAD E . 2.29 18.41 12.29
C8A FAD E . 3.16 18.52 11.23
N7A FAD E . 4.43 18.45 11.56
C5A FAD E . 4.40 18.29 12.94
C6A FAD E . 5.44 18.14 13.92
N6A FAD E . 6.73 18.17 13.58
N1A FAD E . 5.08 17.98 15.23
C2A FAD E . 3.75 17.97 15.55
N3A FAD E . 2.70 18.09 14.72
C4A FAD E . 3.11 18.25 13.39
N1 FAD E . -2.02 12.45 2.12
C2 FAD E . -1.05 12.01 1.22
O2 FAD E . -0.37 12.78 0.48
N3 FAD E . -0.77 10.63 1.11
C4 FAD E . -1.41 9.63 1.85
O4 FAD E . -1.09 8.42 1.68
C4X FAD E . -2.40 10.09 2.77
N5 FAD E . -3.07 9.13 3.54
C5X FAD E . -4.04 9.55 4.46
C6 FAD E . -4.71 8.58 5.25
C7 FAD E . -5.67 8.95 6.19
C7M FAD E . -6.36 7.84 6.99
C8 FAD E . -6.00 10.32 6.37
C8M FAD E . -7.03 10.80 7.37
C9 FAD E . -5.35 11.29 5.57
C9A FAD E . -4.37 10.92 4.63
N10 FAD E . -3.68 11.88 3.83
C10 FAD E . -2.68 11.47 2.89
C1' FAD E . -4.03 13.33 3.99
C2' FAD E . -2.90 14.14 4.51
O2' FAD E . -2.55 13.58 5.80
C3' FAD E . -3.19 15.66 4.68
O3' FAD E . -3.56 16.20 3.40
C4' FAD E . -1.79 16.20 5.11
O4' FAD E . -1.44 15.62 6.43
C5' FAD E . -1.63 17.66 5.34
O5' FAD E . -0.19 17.51 5.44
P FAD E . 0.95 18.60 5.21
O1P FAD E . 2.27 17.90 5.25
O2P FAD E . 0.50 19.36 4.00
O3P FAD E . 0.79 19.40 6.54
PA NAD F . -12.54 9.19 0.47
O1A NAD F . -12.28 10.64 0.36
O2A NAD F . -13.77 8.66 -0.18
O5B NAD F . -11.26 8.40 -0.09
C5B NAD F . -11.31 6.99 -0.36
C4B NAD F . -9.96 6.47 -0.85
O4B NAD F . -9.67 6.99 -2.16
C3B NAD F . -8.83 7.00 0.04
O3B NAD F . -8.64 6.13 1.17
C2B NAD F . -7.64 6.88 -0.92
O2B NAD F . -7.26 5.50 -1.05
C1B NAD F . -8.29 7.35 -2.23
N9A NAD F . -8.16 8.83 -2.31
C8A NAD F . -9.04 9.72 -1.86
N7A NAD F . -8.58 10.95 -2.09
C5A NAD F . -7.40 10.85 -2.68
C6A NAD F . -6.46 11.75 -3.16
N6A NAD F . -6.66 13.06 -3.03
N1A NAD F . -5.34 11.30 -3.74
C2A NAD F . -5.11 9.99 -3.86
N3A NAD F . -5.99 9.10 -3.42
C4A NAD F . -7.13 9.49 -2.83
O3 NAD F . -12.63 8.79 2.02
PN NAD F . -11.37 8.46 2.97
O1N NAD F . -10.67 7.26 2.48
O2N NAD F . -11.84 8.48 4.37
O5D NAD F . -10.38 9.72 2.77
C5D NAD F . -10.77 11.00 3.28
C4D NAD F . -9.79 12.08 2.82
O4D NAD F . -8.50 11.89 3.42
C3D NAD F . -9.54 12.00 1.31
O3D NAD F . -10.55 12.70 0.58
C2D NAD F . -8.21 12.74 1.22
O2D NAD F . -8.40 14.14 1.36
C1D NAD F . -7.49 12.19 2.45
N1N NAD F . -6.74 10.95 2.11
C2N NAD F . -5.70 10.99 1.18
C3N NAD F . -5.07 9.83 0.77
C7N NAD F . -4.00 9.91 -0.31
O7N NAD F . -3.63 10.99 -0.74
N7N NAD F . -3.51 8.74 -0.72
C4N NAD F . -5.44 8.48 1.41
C5N NAD F . -6.57 8.53 2.22
C6N NAD F . -7.08 9.74 2.71
#